data_6QJD
#
_entry.id   6QJD
#
_cell.length_a   54.118
_cell.length_b   53.968
_cell.length_c   62.613
_cell.angle_alpha   90.000
_cell.angle_beta   93.250
_cell.angle_gamma   90.000
#
_symmetry.space_group_name_H-M   'P 1 21 1'
#
loop_
_entity.id
_entity.type
_entity.pdbx_description
1 polymer 'Disks large homolog 4'
2 non-polymer 'SULFATE ION'
3 water water
#
_entity_poly.entity_id   1
_entity_poly.type   'polypeptide(L)'
_entity_poly.pdbx_seq_one_letter_code
;MGLGEEDIPREPRRIVIHRGSTGLGFNIVGGEDGEGIFISFILAGGPADLSGELRKGDQILSVNGVDLRNASHEQAAIAL
KNAGQTVTIIAQYK
;
_entity_poly.pdbx_strand_id   A,B,C,D
#
loop_
_chem_comp.id
_chem_comp.type
_chem_comp.name
_chem_comp.formula
SO4 non-polymer 'SULFATE ION' 'O4 S -2'
#
# COMPACT_ATOMS: atom_id res chain seq x y z
N PRO A 9 13.65 -18.26 -5.00
CA PRO A 9 12.42 -17.68 -4.43
C PRO A 9 12.51 -16.16 -4.37
N ARG A 10 11.37 -15.48 -4.42
CA ARG A 10 11.37 -14.05 -4.18
C ARG A 10 12.06 -13.75 -2.85
N GLU A 11 12.81 -12.66 -2.80
CA GLU A 11 13.51 -12.33 -1.56
C GLU A 11 12.50 -12.02 -0.45
N PRO A 12 12.78 -12.39 0.79
CA PRO A 12 11.88 -12.05 1.88
C PRO A 12 11.52 -10.57 1.86
N ARG A 13 10.27 -10.27 2.19
CA ARG A 13 9.70 -8.94 2.03
C ARG A 13 9.15 -8.44 3.35
N ARG A 14 9.47 -7.20 3.68
CA ARG A 14 9.02 -6.57 4.92
C ARG A 14 7.67 -5.89 4.71
N ILE A 15 6.70 -6.21 5.56
CA ILE A 15 5.34 -5.70 5.44
C ILE A 15 4.89 -5.16 6.79
N VAL A 16 4.22 -4.00 6.78
CA VAL A 16 3.61 -3.47 8.00
C VAL A 16 2.10 -3.66 7.90
N ILE A 17 1.54 -4.37 8.88
CA ILE A 17 0.10 -4.53 9.01
C ILE A 17 -0.38 -3.57 10.08
N HIS A 18 -1.37 -2.77 9.74
CA HIS A 18 -1.97 -1.84 10.68
C HIS A 18 -3.24 -2.47 11.21
N ARG A 19 -3.40 -2.76 12.50
CA ARG A 19 -4.48 -3.48 13.13
C ARG A 19 -5.56 -2.41 13.24
N GLY A 20 -6.74 -2.92 13.06
CA GLY A 20 -7.91 -2.10 13.19
C GLY A 20 -8.86 -2.67 14.22
N SER A 21 -10.14 -2.75 13.84
CA SER A 21 -11.16 -3.26 14.74
C SER A 21 -11.09 -4.79 14.80
N THR A 22 -10.79 -5.31 15.98
CA THR A 22 -11.00 -6.70 16.38
C THR A 22 -9.98 -7.68 15.81
N GLY A 23 -9.03 -7.28 14.97
CA GLY A 23 -8.04 -8.25 14.57
C GLY A 23 -7.09 -7.78 13.48
N LEU A 24 -6.04 -8.58 13.30
CA LEU A 24 -5.11 -8.43 12.19
C LEU A 24 -5.64 -9.01 10.89
N GLY A 25 -6.71 -9.80 10.96
CA GLY A 25 -7.36 -10.29 9.76
C GLY A 25 -6.67 -11.42 9.05
N PHE A 26 -5.92 -12.25 9.75
CA PHE A 26 -5.35 -13.44 9.13
C PHE A 26 -5.16 -14.50 10.20
N ASN A 27 -5.14 -15.75 9.75
CA ASN A 27 -4.86 -16.89 10.61
C ASN A 27 -3.52 -17.50 10.24
N ILE A 28 -2.96 -18.27 11.16
CA ILE A 28 -1.71 -18.97 10.91
C ILE A 28 -1.83 -20.45 11.25
N VAL A 29 -0.97 -21.24 10.61
CA VAL A 29 -0.79 -22.66 10.91
C VAL A 29 0.69 -22.96 11.02
N GLY A 30 1.00 -24.13 11.57
CA GLY A 30 2.35 -24.63 11.59
C GLY A 30 2.83 -25.02 12.98
N GLY A 34 10.34 -25.61 14.22
CA GLY A 34 11.15 -25.74 13.02
C GLY A 34 10.38 -25.79 11.72
N GLU A 35 9.13 -26.26 11.77
CA GLU A 35 8.37 -26.46 10.55
C GLU A 35 7.92 -25.15 9.91
N GLY A 36 7.84 -24.08 10.69
CA GLY A 36 7.52 -22.79 10.12
C GLY A 36 6.09 -22.38 10.39
N ILE A 37 5.86 -21.08 10.26
CA ILE A 37 4.57 -20.44 10.53
C ILE A 37 4.06 -19.92 9.20
N PHE A 38 2.89 -20.39 8.78
CA PHE A 38 2.36 -20.08 7.47
C PHE A 38 0.98 -19.46 7.57
N ILE A 39 0.71 -18.52 6.68
CA ILE A 39 -0.62 -17.93 6.60
C ILE A 39 -1.60 -18.99 6.10
N SER A 40 -2.70 -19.17 6.85
CA SER A 40 -3.75 -20.10 6.45
C SER A 40 -5.02 -19.43 5.97
N PHE A 41 -5.20 -18.15 6.24
CA PHE A 41 -6.43 -17.44 5.93
C PHE A 41 -6.12 -15.95 5.92
N ILE A 42 -6.61 -15.26 4.90
CA ILE A 42 -6.58 -13.80 4.83
C ILE A 42 -8.02 -13.33 4.73
N LEU A 43 -8.46 -12.49 5.68
CA LEU A 43 -9.81 -11.98 5.69
C LEU A 43 -9.98 -10.90 4.63
N ALA A 44 -10.94 -11.10 3.73
CA ALA A 44 -11.27 -10.06 2.76
C ALA A 44 -11.70 -8.77 3.44
N GLY A 45 -11.14 -7.65 2.98
CA GLY A 45 -11.40 -6.35 3.54
C GLY A 45 -10.74 -6.09 4.86
N GLY A 46 -9.99 -7.05 5.39
CA GLY A 46 -9.32 -6.89 6.65
C GLY A 46 -7.93 -6.32 6.52
N PRO A 47 -7.25 -6.15 7.65
CA PRO A 47 -5.97 -5.43 7.63
C PRO A 47 -4.90 -6.07 6.78
N ALA A 48 -4.91 -7.39 6.65
CA ALA A 48 -3.91 -8.11 5.85
C ALA A 48 -4.31 -8.21 4.39
N ASP A 49 -5.56 -7.91 4.07
CA ASP A 49 -6.02 -7.88 2.69
C ASP A 49 -5.73 -6.55 2.03
N LEU A 50 -5.63 -5.46 2.81
CA LEU A 50 -5.64 -4.12 2.22
C LEU A 50 -4.50 -3.94 1.23
N SER A 51 -3.27 -4.29 1.61
CA SER A 51 -2.15 -4.02 0.72
C SER A 51 -2.02 -5.06 -0.40
N GLY A 52 -2.77 -6.16 -0.32
CA GLY A 52 -2.64 -7.23 -1.30
C GLY A 52 -1.30 -7.93 -1.34
N GLU A 53 -0.48 -7.81 -0.30
CA GLU A 53 0.84 -8.44 -0.28
C GLU A 53 0.77 -9.89 0.19
N LEU A 54 0.36 -10.11 1.44
CA LEU A 54 0.30 -11.46 1.98
C LEU A 54 -0.76 -12.32 1.30
N ARG A 55 -0.45 -13.60 1.19
CA ARG A 55 -1.36 -14.62 0.65
C ARG A 55 -1.25 -15.89 1.49
N LYS A 56 -2.34 -16.66 1.50
CA LYS A 56 -2.34 -17.99 2.10
C LYS A 56 -1.16 -18.80 1.56
N GLY A 57 -0.42 -19.41 2.49
CA GLY A 57 0.77 -20.20 2.17
C GLY A 57 2.09 -19.50 2.39
N ASP A 58 2.10 -18.17 2.49
CA ASP A 58 3.33 -17.44 2.77
C ASP A 58 3.82 -17.79 4.17
N GLN A 59 5.14 -17.75 4.34
CA GLN A 59 5.73 -18.02 5.65
C GLN A 59 6.01 -16.71 6.36
N ILE A 60 5.63 -16.63 7.63
CA ILE A 60 5.96 -15.48 8.47
C ILE A 60 7.33 -15.78 9.09
N LEU A 61 8.34 -14.98 8.73
CA LEU A 61 9.68 -15.20 9.24
C LEU A 61 9.97 -14.40 10.50
N SER A 62 9.26 -13.30 10.71
CA SER A 62 9.57 -12.41 11.82
C SER A 62 8.35 -11.55 12.13
N VAL A 63 8.20 -11.20 13.40
CA VAL A 63 7.20 -10.21 13.81
C VAL A 63 7.87 -9.24 14.77
N ASN A 64 7.83 -7.95 14.42
CA ASN A 64 8.36 -6.87 15.26
C ASN A 64 9.77 -7.17 15.74
N GLY A 65 10.59 -7.65 14.81
CA GLY A 65 11.97 -7.95 15.08
C GLY A 65 12.23 -9.33 15.65
N VAL A 66 11.19 -10.06 16.04
CA VAL A 66 11.34 -11.36 16.67
C VAL A 66 11.34 -12.43 15.58
N ASP A 67 12.44 -13.17 15.48
CA ASP A 67 12.55 -14.30 14.55
C ASP A 67 11.52 -15.36 14.89
N LEU A 68 10.65 -15.67 13.94
CA LEU A 68 9.62 -16.70 14.14
C LEU A 68 9.88 -17.96 13.32
N ARG A 69 11.06 -18.10 12.71
CA ARG A 69 11.33 -19.28 11.91
C ARG A 69 11.30 -20.56 12.73
N ASN A 70 11.65 -20.49 14.02
CA ASN A 70 11.65 -21.65 14.92
C ASN A 70 10.47 -21.63 15.89
N ALA A 71 9.56 -20.70 15.73
CA ALA A 71 8.43 -20.58 16.65
C ALA A 71 7.43 -21.71 16.47
N SER A 72 6.94 -22.21 17.59
CA SER A 72 5.73 -22.99 17.61
C SER A 72 4.54 -22.11 17.25
N HIS A 73 3.42 -22.76 16.93
CA HIS A 73 2.21 -22.00 16.72
C HIS A 73 1.92 -21.08 17.91
N GLU A 74 2.00 -21.62 19.12
CA GLU A 74 1.70 -20.81 20.30
C GLU A 74 2.63 -19.60 20.39
N GLN A 75 3.93 -19.79 20.15
CA GLN A 75 4.87 -18.67 20.28
C GLN A 75 4.55 -17.58 19.28
N ALA A 76 4.21 -17.98 18.05
CA ALA A 76 3.84 -17.03 17.01
C ALA A 76 2.57 -16.29 17.36
N ALA A 77 1.57 -17.03 17.87
CA ALA A 77 0.29 -16.42 18.20
C ALA A 77 0.45 -15.41 19.31
N ILE A 78 1.28 -15.73 20.32
CA ILE A 78 1.62 -14.77 21.36
C ILE A 78 2.29 -13.54 20.75
N ALA A 79 3.26 -13.75 19.86
CA ALA A 79 3.98 -12.63 19.29
C ALA A 79 3.06 -11.71 18.49
N LEU A 80 2.14 -12.30 17.72
CA LEU A 80 1.21 -11.49 16.93
C LEU A 80 0.19 -10.78 17.82
N LYS A 81 -0.27 -11.44 18.89
CA LYS A 81 -1.28 -10.84 19.76
C LYS A 81 -0.70 -9.69 20.58
N ASN A 82 0.62 -9.69 20.81
CA ASN A 82 1.26 -8.66 21.61
C ASN A 82 2.01 -7.64 20.78
N ALA A 83 1.95 -7.73 19.45
CA ALA A 83 2.70 -6.82 18.60
C ALA A 83 2.09 -5.43 18.53
N GLY A 84 0.89 -5.26 19.08
CA GLY A 84 0.25 -3.96 19.13
C GLY A 84 -0.57 -3.65 17.90
N GLN A 85 -0.76 -2.35 17.64
CA GLN A 85 -1.57 -1.90 16.51
C GLN A 85 -0.75 -1.89 15.22
N THR A 86 0.57 -1.79 15.36
CA THR A 86 1.46 -1.79 14.20
C THR A 86 2.32 -3.05 14.27
N VAL A 87 2.22 -3.88 13.24
CA VAL A 87 2.86 -5.19 13.23
C VAL A 87 3.73 -5.24 11.98
N THR A 88 5.05 -5.27 12.18
CA THR A 88 6.01 -5.37 11.08
C THR A 88 6.39 -6.83 10.89
N ILE A 89 6.11 -7.36 9.70
CA ILE A 89 6.30 -8.77 9.39
C ILE A 89 7.34 -8.88 8.28
N ILE A 90 8.25 -9.84 8.40
CA ILE A 90 9.03 -10.28 7.26
C ILE A 90 8.41 -11.58 6.78
N ALA A 91 8.01 -11.61 5.52
CA ALA A 91 7.32 -12.74 4.94
C ALA A 91 8.16 -13.31 3.81
N GLN A 92 8.19 -14.63 3.71
CA GLN A 92 8.68 -15.32 2.53
C GLN A 92 7.48 -15.67 1.65
N TYR A 93 7.36 -15.01 0.50
CA TYR A 93 6.31 -15.38 -0.45
C TYR A 93 6.52 -16.83 -0.91
N LYS A 94 5.43 -17.57 -0.99
CA LYS A 94 5.47 -18.95 -1.46
C LYS A 94 5.95 -19.07 -2.91
N PRO B 9 -12.14 -18.05 -4.76
CA PRO B 9 -10.94 -17.29 -5.17
C PRO B 9 -10.99 -15.89 -4.60
N ARG B 10 -9.82 -15.28 -4.45
CA ARG B 10 -9.77 -13.89 -4.02
C ARG B 10 -10.44 -13.00 -5.06
N GLU B 11 -11.17 -11.99 -4.60
CA GLU B 11 -11.82 -11.08 -5.53
C GLU B 11 -10.76 -10.38 -6.38
N PRO B 12 -11.06 -10.09 -7.65
CA PRO B 12 -10.09 -9.37 -8.47
C PRO B 12 -9.71 -8.05 -7.82
N ARG B 13 -8.48 -7.62 -8.08
CA ARG B 13 -7.87 -6.52 -7.38
C ARG B 13 -7.32 -5.50 -8.37
N ARG B 14 -7.54 -4.22 -8.09
CA ARG B 14 -7.03 -3.15 -8.94
C ARG B 14 -5.64 -2.75 -8.45
N ILE B 15 -4.69 -2.76 -9.37
CA ILE B 15 -3.28 -2.46 -9.08
C ILE B 15 -2.83 -1.39 -10.05
N VAL B 16 -2.01 -0.46 -9.58
CA VAL B 16 -1.43 0.60 -10.41
C VAL B 16 0.05 0.33 -10.55
N ILE B 17 0.55 0.35 -11.79
CA ILE B 17 1.97 0.17 -12.06
C ILE B 17 2.50 1.45 -12.71
N HIS B 18 3.65 1.92 -12.24
CA HIS B 18 4.29 3.11 -12.79
C HIS B 18 5.49 2.71 -13.63
N ARG B 19 5.37 2.90 -14.94
CA ARG B 19 6.42 2.46 -15.85
C ARG B 19 7.70 3.24 -15.59
N GLY B 20 8.83 2.55 -15.68
CA GLY B 20 10.12 3.15 -15.46
C GLY B 20 11.06 2.85 -16.60
N SER B 21 12.35 2.78 -16.28
CA SER B 21 13.36 2.49 -17.29
C SER B 21 13.21 1.07 -17.82
N THR B 22 13.01 0.10 -16.94
CA THR B 22 12.86 -1.30 -17.33
C THR B 22 11.42 -1.64 -17.69
N GLY B 23 10.70 -0.70 -18.30
CA GLY B 23 9.31 -0.93 -18.63
C GLY B 23 8.45 -1.07 -17.39
N LEU B 24 7.43 -1.91 -17.49
CA LEU B 24 6.52 -2.17 -16.38
C LEU B 24 7.08 -3.17 -15.37
N GLY B 25 8.22 -3.79 -15.67
CA GLY B 25 8.82 -4.72 -14.74
C GLY B 25 8.19 -6.08 -14.66
N PHE B 26 7.43 -6.50 -15.66
CA PHE B 26 6.90 -7.86 -15.68
C PHE B 26 6.75 -8.33 -17.12
N ASN B 27 6.75 -9.66 -17.28
CA ASN B 27 6.52 -10.31 -18.55
C ASN B 27 5.20 -11.08 -18.49
N ILE B 28 4.64 -11.36 -19.66
CA ILE B 28 3.37 -12.06 -19.73
C ILE B 28 3.49 -13.27 -20.63
N VAL B 29 2.68 -14.29 -20.33
CA VAL B 29 2.49 -15.44 -21.21
C VAL B 29 0.99 -15.61 -21.49
N GLY B 30 0.70 -16.33 -22.57
CA GLY B 30 -0.67 -16.54 -23.02
C GLY B 30 -0.88 -16.08 -24.44
N GLY B 34 -8.73 -16.96 -25.65
CA GLY B 34 -9.46 -17.32 -24.46
C GLY B 34 -8.63 -17.94 -23.35
N GLU B 35 -7.37 -18.26 -23.66
CA GLU B 35 -6.50 -18.90 -22.68
C GLU B 35 -6.28 -18.01 -21.47
N GLY B 36 -6.22 -16.70 -21.68
CA GLY B 36 -5.89 -15.77 -20.63
C GLY B 36 -4.47 -15.29 -20.71
N ILE B 37 -4.22 -14.16 -20.06
CA ILE B 37 -2.93 -13.49 -20.02
C ILE B 37 -2.42 -13.61 -18.59
N PHE B 38 -1.22 -14.18 -18.42
CA PHE B 38 -0.71 -14.44 -17.09
C PHE B 38 0.69 -13.87 -16.90
N ILE B 39 0.97 -13.42 -15.67
CA ILE B 39 2.30 -12.95 -15.31
C ILE B 39 3.27 -14.13 -15.34
N SER B 40 4.37 -13.99 -16.07
CA SER B 40 5.39 -15.02 -16.17
C SER B 40 6.69 -14.63 -15.48
N PHE B 41 6.85 -13.36 -15.12
CA PHE B 41 8.09 -12.87 -14.52
C PHE B 41 7.80 -11.54 -13.84
N ILE B 42 8.35 -11.37 -12.64
CA ILE B 42 8.33 -10.09 -11.92
C ILE B 42 9.78 -9.71 -11.70
N LEU B 43 10.17 -8.54 -12.21
CA LEU B 43 11.53 -8.04 -12.03
C LEU B 43 11.73 -7.54 -10.61
N ALA B 44 12.71 -8.09 -9.90
CA ALA B 44 13.07 -7.61 -8.58
C ALA B 44 13.46 -6.13 -8.63
N GLY B 45 12.88 -5.34 -7.75
CA GLY B 45 13.16 -3.93 -7.71
C GLY B 45 12.48 -3.11 -8.80
N GLY B 46 11.78 -3.77 -9.71
CA GLY B 46 11.08 -3.09 -10.77
C GLY B 46 9.70 -2.63 -10.36
N PRO B 47 9.00 -1.95 -11.28
CA PRO B 47 7.74 -1.30 -10.91
C PRO B 47 6.66 -2.25 -10.38
N ALA B 48 6.66 -3.51 -10.80
CA ALA B 48 5.67 -4.47 -10.35
C ALA B 48 6.05 -5.18 -9.06
N ASP B 49 7.33 -5.13 -8.68
CA ASP B 49 7.81 -5.74 -7.44
C ASP B 49 7.58 -4.81 -6.26
N LEU B 50 7.65 -3.49 -6.48
CA LEU B 50 7.72 -2.56 -5.36
C LEU B 50 6.46 -2.59 -4.51
N SER B 51 5.29 -2.74 -5.15
CA SER B 51 4.06 -2.78 -4.35
C SER B 51 3.80 -4.15 -3.74
N GLY B 52 4.48 -5.19 -4.25
CA GLY B 52 4.37 -6.54 -3.75
C GLY B 52 3.05 -7.24 -3.98
N GLU B 53 2.22 -6.72 -4.89
CA GLU B 53 0.93 -7.32 -5.14
C GLU B 53 1.02 -8.45 -6.16
N LEU B 54 1.46 -8.13 -7.38
CA LEU B 54 1.47 -9.12 -8.44
C LEU B 54 2.49 -10.24 -8.19
N ARG B 55 2.12 -11.44 -8.62
CA ARG B 55 2.99 -12.61 -8.57
C ARG B 55 2.91 -13.37 -9.89
N LYS B 56 4.00 -14.09 -10.21
CA LYS B 56 3.96 -15.05 -11.29
C LYS B 56 2.73 -15.95 -11.18
N GLY B 57 2.04 -16.15 -12.32
CA GLY B 57 0.85 -16.97 -12.38
C GLY B 57 -0.45 -16.22 -12.25
N ASP B 58 -0.41 -14.96 -11.81
CA ASP B 58 -1.60 -14.14 -11.73
C ASP B 58 -2.11 -13.82 -13.13
N GLN B 59 -3.44 -13.68 -13.26
CA GLN B 59 -4.07 -13.32 -14.52
C GLN B 59 -4.36 -11.82 -14.59
N ILE B 60 -3.95 -11.20 -15.70
CA ILE B 60 -4.31 -9.82 -16.01
C ILE B 60 -5.68 -9.84 -16.67
N LEU B 61 -6.68 -9.24 -16.02
CA LEU B 61 -8.02 -9.18 -16.58
C LEU B 61 -8.26 -7.93 -17.40
N SER B 62 -7.53 -6.85 -17.13
CA SER B 62 -7.80 -5.58 -17.79
C SER B 62 -6.61 -4.65 -17.63
N VAL B 63 -6.44 -3.76 -18.60
CA VAL B 63 -5.43 -2.72 -18.56
C VAL B 63 -6.11 -1.40 -18.95
N ASN B 64 -6.09 -0.44 -18.04
CA ASN B 64 -6.69 0.88 -18.27
C ASN B 64 -8.11 0.74 -18.81
N GLY B 65 -8.89 -0.14 -18.18
CA GLY B 65 -10.28 -0.34 -18.53
C GLY B 65 -10.52 -1.17 -19.76
N VAL B 66 -9.47 -1.68 -20.40
CA VAL B 66 -9.60 -2.52 -21.59
C VAL B 66 -9.60 -3.98 -21.16
N ASP B 67 -10.70 -4.68 -21.41
CA ASP B 67 -10.85 -6.09 -21.08
C ASP B 67 -9.82 -6.94 -21.82
N LEU B 68 -8.96 -7.65 -21.07
CA LEU B 68 -7.98 -8.53 -21.66
C LEU B 68 -8.27 -10.02 -21.43
N ARG B 69 -9.48 -10.36 -20.96
CA ARG B 69 -9.73 -11.76 -20.68
C ARG B 69 -9.68 -12.61 -21.95
N ASN B 70 -10.06 -12.04 -23.10
CA ASN B 70 -9.99 -12.75 -24.37
C ASN B 70 -8.80 -12.34 -25.24
N ALA B 71 -7.94 -11.44 -24.75
CA ALA B 71 -6.85 -10.94 -25.57
C ALA B 71 -5.85 -12.04 -25.93
N SER B 72 -5.37 -11.99 -27.17
CA SER B 72 -4.20 -12.77 -27.51
C SER B 72 -2.98 -12.17 -26.82
N HIS B 73 -1.88 -12.92 -26.82
CA HIS B 73 -0.64 -12.36 -26.29
C HIS B 73 -0.30 -11.06 -27.00
N GLU B 74 -0.39 -11.06 -28.33
CA GLU B 74 -0.08 -9.84 -29.07
C GLU B 74 -0.99 -8.70 -28.66
N GLN B 75 -2.30 -8.95 -28.51
CA GLN B 75 -3.22 -7.88 -28.17
C GLN B 75 -2.91 -7.32 -26.79
N ALA B 76 -2.61 -8.20 -25.82
CA ALA B 76 -2.28 -7.74 -24.48
C ALA B 76 -1.00 -6.92 -24.48
N ALA B 77 -0.01 -7.35 -25.28
CA ALA B 77 1.27 -6.66 -25.32
C ALA B 77 1.12 -5.26 -25.90
N ILE B 78 0.29 -5.13 -26.94
CA ILE B 78 -0.03 -3.81 -27.51
C ILE B 78 -0.72 -2.94 -26.46
N ALA B 79 -1.67 -3.51 -25.72
CA ALA B 79 -2.40 -2.74 -24.71
C ALA B 79 -1.47 -2.25 -23.61
N LEU B 80 -0.59 -3.12 -23.11
CA LEU B 80 0.36 -2.70 -22.09
C LEU B 80 1.35 -1.69 -22.63
N LYS B 81 1.82 -1.85 -23.87
CA LYS B 81 2.80 -0.92 -24.42
C LYS B 81 2.18 0.46 -24.63
N ASN B 82 0.92 0.51 -25.02
CA ASN B 82 0.22 1.76 -25.30
C ASN B 82 -0.48 2.34 -24.08
N ALA B 83 -0.29 1.76 -22.90
CA ALA B 83 -1.03 2.20 -21.72
C ALA B 83 -0.40 3.39 -21.03
N GLY B 84 0.78 3.84 -21.48
CA GLY B 84 1.41 5.00 -20.90
C GLY B 84 2.27 4.66 -19.71
N GLN B 85 2.65 5.72 -18.98
CA GLN B 85 3.55 5.54 -17.83
C GLN B 85 2.81 5.10 -16.59
N THR B 86 1.54 5.45 -16.46
CA THR B 86 0.69 4.99 -15.36
C THR B 86 -0.28 3.95 -15.91
N VAL B 87 -0.15 2.72 -15.44
CA VAL B 87 -0.96 1.61 -15.92
C VAL B 87 -1.82 1.10 -14.77
N THR B 88 -3.13 1.06 -14.99
CA THR B 88 -4.08 0.48 -14.03
C THR B 88 -4.46 -0.92 -14.51
N ILE B 89 -4.25 -1.92 -13.66
CA ILE B 89 -4.51 -3.32 -14.00
C ILE B 89 -5.53 -3.89 -13.03
N ILE B 90 -6.46 -4.68 -13.55
CA ILE B 90 -7.29 -5.53 -12.70
C ILE B 90 -6.74 -6.95 -12.82
N ALA B 91 -6.34 -7.52 -11.69
CA ALA B 91 -5.66 -8.80 -11.64
C ALA B 91 -6.47 -9.80 -10.83
N GLN B 92 -6.45 -11.06 -11.28
CA GLN B 92 -6.99 -12.18 -10.53
C GLN B 92 -5.81 -12.92 -9.91
N TYR B 93 -5.72 -12.87 -8.58
CA TYR B 93 -4.69 -13.63 -7.89
C TYR B 93 -4.89 -15.12 -8.14
N LYS B 94 -3.80 -15.82 -8.42
CA LYS B 94 -3.83 -17.25 -8.69
C LYS B 94 -4.46 -18.00 -7.52
N ILE C 8 -4.04 17.50 18.88
CA ILE C 8 -3.36 16.21 18.91
C ILE C 8 -3.18 15.63 17.52
N PRO C 9 -1.95 15.61 17.02
CA PRO C 9 -1.73 15.14 15.65
C PRO C 9 -1.76 13.61 15.57
N ARG C 10 -1.85 13.12 14.34
CA ARG C 10 -1.90 11.69 14.10
C ARG C 10 -0.71 11.00 14.75
N GLU C 11 -0.94 9.78 15.21
CA GLU C 11 0.13 9.00 15.81
C GLU C 11 1.22 8.73 14.78
N PRO C 12 2.49 8.72 15.18
CA PRO C 12 3.55 8.38 14.21
C PRO C 12 3.25 7.06 13.52
N ARG C 13 3.58 6.97 12.23
CA ARG C 13 3.18 5.83 11.42
C ARG C 13 4.40 5.14 10.83
N ARG C 14 4.39 3.81 10.90
CA ARG C 14 5.49 3.01 10.40
C ARG C 14 5.25 2.66 8.94
N ILE C 15 6.25 2.92 8.11
CA ILE C 15 6.14 2.79 6.66
C ILE C 15 7.38 2.06 6.15
N VAL C 16 7.17 1.16 5.19
CA VAL C 16 8.26 0.48 4.51
C VAL C 16 8.33 1.01 3.08
N ILE C 17 9.48 1.57 2.73
CA ILE C 17 9.79 1.99 1.36
C ILE C 17 10.70 0.94 0.75
N HIS C 18 10.33 0.46 -0.43
CA HIS C 18 11.13 -0.49 -1.18
C HIS C 18 11.87 0.26 -2.27
N ARG C 19 13.20 0.27 -2.17
CA ARG C 19 14.05 1.00 -3.09
C ARG C 19 14.02 0.36 -4.47
N GLY C 20 13.95 1.21 -5.49
CA GLY C 20 13.97 0.78 -6.87
C GLY C 20 15.20 1.32 -7.56
N SER C 21 15.11 1.55 -8.87
CA SER C 21 16.25 2.04 -9.64
C SER C 21 16.52 3.52 -9.40
N THR C 22 15.47 4.33 -9.19
CA THR C 22 15.63 5.76 -8.95
C THR C 22 15.86 6.08 -7.48
N GLY C 23 16.50 5.17 -6.72
CA GLY C 23 16.70 5.43 -5.32
C GLY C 23 15.42 5.26 -4.52
N LEU C 24 15.31 6.03 -3.45
CA LEU C 24 14.13 5.97 -2.60
C LEU C 24 12.99 6.85 -3.10
N GLY C 25 13.29 7.83 -3.96
CA GLY C 25 12.25 8.68 -4.49
C GLY C 25 11.77 9.79 -3.58
N PHE C 26 12.60 10.21 -2.62
CA PHE C 26 12.30 11.42 -1.87
C PHE C 26 13.59 12.11 -1.49
N ASN C 27 13.48 13.40 -1.22
CA ASN C 27 14.59 14.15 -0.64
C ASN C 27 14.24 14.58 0.78
N ILE C 28 15.27 15.03 1.51
CA ILE C 28 15.06 15.51 2.86
C ILE C 28 15.72 16.86 3.09
N VAL C 29 15.18 17.58 4.06
CA VAL C 29 15.74 18.84 4.53
C VAL C 29 15.80 18.82 6.04
N GLY C 30 16.65 19.64 6.58
CA GLY C 30 16.67 19.89 7.97
C GLY C 30 17.89 19.31 8.61
N GLY C 31 17.73 19.04 9.89
CA GLY C 31 18.73 18.53 10.78
C GLY C 31 19.63 19.51 11.51
N GLY C 34 18.87 18.88 16.15
CA GLY C 34 17.62 18.90 16.88
C GLY C 34 16.41 19.41 16.13
N GLU C 35 16.63 20.05 14.97
CA GLU C 35 15.51 20.59 14.21
C GLU C 35 14.62 19.49 13.65
N GLY C 36 15.19 18.34 13.32
CA GLY C 36 14.39 17.31 12.71
C GLY C 36 14.63 17.21 11.21
N ILE C 37 14.27 16.05 10.68
CA ILE C 37 14.48 15.70 9.29
C ILE C 37 13.10 15.64 8.64
N PHE C 38 12.92 16.36 7.53
CA PHE C 38 11.61 16.52 6.93
C PHE C 38 11.67 16.17 5.46
N ILE C 39 10.60 15.56 4.95
CA ILE C 39 10.49 15.32 3.52
C ILE C 39 10.31 16.65 2.81
N SER C 40 11.17 16.90 1.80
CA SER C 40 11.09 18.09 0.99
C SER C 40 10.58 17.84 -0.42
N PHE C 41 10.52 16.57 -0.86
CA PHE C 41 10.13 16.23 -2.22
C PHE C 41 9.78 14.75 -2.27
N ILE C 42 8.67 14.44 -2.94
CA ILE C 42 8.26 13.06 -3.25
C ILE C 42 8.20 12.94 -4.76
N LEU C 43 9.01 12.04 -5.33
CA LEU C 43 9.01 11.83 -6.77
C LEU C 43 7.74 11.09 -7.19
N ALA C 44 6.96 11.72 -8.05
CA ALA C 44 5.78 11.08 -8.61
C ALA C 44 6.17 9.79 -9.33
N GLY C 45 5.43 8.71 -9.03
CA GLY C 45 5.72 7.40 -9.57
C GLY C 45 6.93 6.72 -8.97
N GLY C 46 7.58 7.33 -7.99
CA GLY C 46 8.74 6.76 -7.36
C GLY C 46 8.37 5.94 -6.14
N PRO C 47 9.37 5.32 -5.51
CA PRO C 47 9.08 4.37 -4.43
C PRO C 47 8.30 4.96 -3.28
N ALA C 48 8.45 6.25 -3.00
CA ALA C 48 7.74 6.87 -1.88
C ALA C 48 6.37 7.42 -2.28
N ASP C 49 6.08 7.49 -3.58
CA ASP C 49 4.76 7.87 -4.05
C ASP C 49 3.80 6.71 -4.08
N LEU C 50 4.30 5.47 -4.18
CA LEU C 50 3.44 4.35 -4.52
C LEU C 50 2.35 4.15 -3.48
N SER C 51 2.70 4.20 -2.19
CA SER C 51 1.70 3.92 -1.18
C SER C 51 0.85 5.13 -0.82
N GLY C 52 1.22 6.33 -1.26
CA GLY C 52 0.45 7.52 -0.95
C GLY C 52 0.48 7.94 0.49
N GLU C 53 1.40 7.41 1.29
CA GLU C 53 1.48 7.71 2.71
C GLU C 53 2.28 8.98 2.97
N LEU C 54 3.57 8.97 2.64
CA LEU C 54 4.42 10.12 2.91
C LEU C 54 4.01 11.34 2.08
N ARG C 55 4.17 12.51 2.68
CA ARG C 55 3.94 13.79 2.03
C ARG C 55 5.07 14.76 2.37
N LYS C 56 5.32 15.70 1.46
CA LYS C 56 6.15 16.85 1.76
C LYS C 56 5.77 17.44 3.11
N GLY C 57 6.77 17.66 3.96
CA GLY C 57 6.56 18.24 5.27
C GLY C 57 6.48 17.25 6.41
N ASP C 58 6.29 15.96 6.10
CA ASP C 58 6.32 14.94 7.14
C ASP C 58 7.72 14.82 7.72
N GLN C 59 7.78 14.44 9.00
CA GLN C 59 9.07 14.28 9.69
C GLN C 59 9.48 12.81 9.71
N ILE C 60 10.73 12.55 9.37
CA ILE C 60 11.28 11.19 9.48
C ILE C 60 11.81 11.04 10.90
N LEU C 61 11.16 10.18 11.69
CA LEU C 61 11.59 9.97 13.06
C LEU C 61 12.65 8.88 13.20
N SER C 62 12.74 7.97 12.25
CA SER C 62 13.58 6.78 12.40
C SER C 62 13.76 6.12 11.05
N VAL C 63 14.91 5.47 10.87
CA VAL C 63 15.20 4.66 9.69
C VAL C 63 15.84 3.35 10.15
N ASN C 64 15.21 2.23 9.80
CA ASN C 64 15.70 0.90 10.14
C ASN C 64 16.10 0.81 11.62
N GLY C 65 15.24 1.34 12.48
CA GLY C 65 15.48 1.27 13.91
C GLY C 65 16.41 2.32 14.47
N VAL C 66 16.96 3.19 13.63
CA VAL C 66 17.88 4.24 14.06
C VAL C 66 17.08 5.52 14.26
N ASP C 67 17.08 6.04 15.48
CA ASP C 67 16.39 7.28 15.81
C ASP C 67 17.03 8.47 15.09
N LEU C 68 16.24 9.16 14.26
CA LEU C 68 16.72 10.33 13.53
C LEU C 68 16.17 11.65 14.04
N ARG C 69 15.50 11.66 15.19
CA ARG C 69 14.96 12.93 15.68
C ARG C 69 16.06 13.94 15.96
N ASN C 70 17.25 13.48 16.33
CA ASN C 70 18.39 14.35 16.59
C ASN C 70 19.42 14.35 15.45
N ALA C 71 19.17 13.68 14.37
CA ALA C 71 20.15 13.63 13.25
C ALA C 71 20.31 14.93 12.54
N SER C 72 21.55 15.17 12.16
CA SER C 72 21.88 16.23 11.25
C SER C 72 21.53 15.68 9.89
N HIS C 73 21.33 16.59 8.95
CA HIS C 73 21.03 16.24 7.55
C HIS C 73 21.99 15.16 7.11
N GLU C 74 23.31 15.31 7.41
CA GLU C 74 24.29 14.36 6.94
C GLU C 74 24.07 12.98 7.57
N GLN C 75 23.83 12.93 8.88
CA GLN C 75 23.60 11.63 9.52
C GLN C 75 22.37 10.95 8.94
N ALA C 76 21.31 11.71 8.72
CA ALA C 76 20.09 11.16 8.13
C ALA C 76 20.35 10.67 6.71
N ALA C 77 21.12 11.44 5.93
CA ALA C 77 21.43 11.04 4.56
C ALA C 77 22.25 9.77 4.53
N ILE C 78 23.21 9.65 5.46
CA ILE C 78 24.00 8.43 5.56
C ILE C 78 23.11 7.25 5.94
N ALA C 79 22.22 7.45 6.91
CA ALA C 79 21.36 6.35 7.34
C ALA C 79 20.48 5.87 6.21
N LEU C 80 19.89 6.79 5.44
CA LEU C 80 19.05 6.40 4.32
C LEU C 80 19.87 5.72 3.23
N LYS C 81 21.04 6.25 2.89
CA LYS C 81 21.81 5.66 1.81
C LYS C 81 22.27 4.24 2.17
N ASN C 82 22.48 3.97 3.45
CA ASN C 82 23.00 2.70 3.93
C ASN C 82 21.90 1.76 4.43
N ALA C 83 20.63 2.14 4.24
CA ALA C 83 19.51 1.35 4.75
C ALA C 83 19.16 0.16 3.87
N GLY C 84 19.74 0.05 2.68
CA GLY C 84 19.48 -1.09 1.82
C GLY C 84 18.28 -0.88 0.90
N GLN C 85 17.83 -1.99 0.32
CA GLN C 85 16.67 -1.98 -0.56
C GLN C 85 15.35 -1.97 0.18
N THR C 86 15.37 -2.21 1.49
CA THR C 86 14.17 -2.16 2.33
C THR C 86 14.44 -1.14 3.42
N VAL C 87 13.66 -0.07 3.43
CA VAL C 87 13.84 1.02 4.40
C VAL C 87 12.56 1.12 5.23
N THR C 88 12.68 0.84 6.53
CA THR C 88 11.57 0.99 7.45
C THR C 88 11.67 2.36 8.10
N ILE C 89 10.64 3.20 7.90
CA ILE C 89 10.60 4.56 8.39
C ILE C 89 9.46 4.69 9.39
N ILE C 90 9.71 5.38 10.49
CA ILE C 90 8.62 5.92 11.31
C ILE C 90 8.50 7.39 10.97
N ALA C 91 7.31 7.80 10.57
CA ALA C 91 7.03 9.14 10.10
C ALA C 91 6.03 9.84 11.00
N GLN C 92 6.25 11.12 11.25
CA GLN C 92 5.24 11.96 11.87
C GLN C 92 4.53 12.73 10.76
N TYR C 93 3.26 12.40 10.53
CA TYR C 93 2.47 13.16 9.57
C TYR C 93 2.35 14.60 10.05
N LYS C 94 2.50 15.55 9.14
CA LYS C 94 2.21 16.94 9.44
C LYS C 94 0.72 17.19 9.20
N PRO D 9 0.33 20.49 -7.91
CA PRO D 9 -0.40 19.57 -7.02
C PRO D 9 -0.17 18.10 -7.40
N ARG D 10 -0.16 17.24 -6.39
CA ARG D 10 -0.05 15.81 -6.66
C ARG D 10 -1.25 15.34 -7.47
N GLU D 11 -0.98 14.44 -8.41
CA GLU D 11 -2.05 13.90 -9.25
C GLU D 11 -3.12 13.27 -8.37
N PRO D 12 -4.38 13.31 -8.80
CA PRO D 12 -5.42 12.61 -8.04
C PRO D 12 -5.08 11.13 -7.90
N ARG D 13 -5.56 10.54 -6.81
CA ARG D 13 -5.20 9.19 -6.42
C ARG D 13 -6.45 8.36 -6.15
N ARG D 14 -6.44 7.14 -6.66
CA ARG D 14 -7.52 6.17 -6.37
C ARG D 14 -7.22 5.47 -5.05
N ILE D 15 -8.20 5.49 -4.14
CA ILE D 15 -8.08 4.90 -2.81
C ILE D 15 -9.29 4.03 -2.53
N VAL D 16 -9.04 2.82 -2.01
CA VAL D 16 -10.10 1.87 -1.70
C VAL D 16 -10.29 1.80 -0.19
N ILE D 17 -11.53 1.97 0.25
CA ILE D 17 -11.90 1.90 1.66
C ILE D 17 -12.86 0.73 1.83
N HIS D 18 -12.61 -0.10 2.84
CA HIS D 18 -13.48 -1.23 3.16
C HIS D 18 -14.28 -0.85 4.40
N ARG D 19 -15.58 -0.69 4.24
CA ARG D 19 -16.43 -0.29 5.35
C ARG D 19 -16.40 -1.35 6.44
N GLY D 20 -16.53 -0.89 7.68
CA GLY D 20 -16.52 -1.77 8.83
C GLY D 20 -17.81 -1.70 9.63
N SER D 21 -17.81 -2.50 10.66
CA SER D 21 -18.85 -2.50 11.65
C SER D 21 -19.07 -1.11 12.15
N THR D 22 -18.06 -0.30 12.00
CA THR D 22 -18.18 1.09 12.40
C THR D 22 -18.83 1.96 11.33
N GLY D 23 -18.02 2.44 10.43
CA GLY D 23 -18.40 2.87 9.11
C GLY D 23 -17.21 3.01 8.18
N LEU D 24 -17.15 4.09 7.40
CA LEU D 24 -16.00 4.31 6.53
C LEU D 24 -14.81 4.89 7.28
N GLY D 25 -15.02 5.41 8.48
CA GLY D 25 -13.93 5.93 9.28
C GLY D 25 -13.52 7.34 8.98
N PHE D 26 -14.36 8.11 8.29
CA PHE D 26 -14.04 9.52 8.08
C PHE D 26 -15.33 10.32 8.00
N ASN D 27 -15.21 11.60 8.31
CA ASN D 27 -16.28 12.57 8.12
C ASN D 27 -15.94 13.54 7.01
N ILE D 28 -16.97 14.20 6.49
CA ILE D 28 -16.78 15.16 5.41
C ILE D 28 -17.43 16.49 5.76
N VAL D 29 -16.86 17.56 5.18
CA VAL D 29 -17.44 18.89 5.23
C VAL D 29 -17.59 19.39 3.80
N GLY D 30 -18.54 20.30 3.61
CA GLY D 30 -18.75 20.89 2.31
C GLY D 30 -20.20 20.76 1.93
N GLY D 34 -20.57 23.21 -5.51
CA GLY D 34 -19.35 23.67 -6.13
C GLY D 34 -18.18 23.89 -5.20
N GLU D 35 -18.48 24.06 -3.90
CA GLU D 35 -17.42 24.34 -2.94
C GLU D 35 -16.53 23.14 -2.73
N GLY D 36 -17.03 21.93 -2.97
CA GLY D 36 -16.23 20.75 -2.84
C GLY D 36 -16.50 19.98 -1.55
N ILE D 37 -16.18 18.70 -1.58
CA ILE D 37 -16.31 17.81 -0.43
C ILE D 37 -14.92 17.51 0.11
N PHE D 38 -14.71 17.76 1.40
CA PHE D 38 -13.39 17.61 2.00
C PHE D 38 -13.45 16.74 3.23
N ILE D 39 -12.38 15.95 3.42
CA ILE D 39 -12.23 15.17 4.64
C ILE D 39 -12.05 16.13 5.81
N SER D 40 -12.88 15.95 6.84
CA SER D 40 -12.81 16.75 8.05
C SER D 40 -12.26 15.98 9.24
N PHE D 41 -12.21 14.64 9.16
CA PHE D 41 -11.83 13.78 10.26
C PHE D 41 -11.50 12.39 9.73
N ILE D 42 -10.38 11.84 10.20
CA ILE D 42 -9.98 10.45 9.96
C ILE D 42 -9.97 9.76 11.32
N LEU D 43 -10.76 8.70 11.46
CA LEU D 43 -10.77 7.94 12.71
C LEU D 43 -9.52 7.07 12.78
N ALA D 44 -8.72 7.28 13.82
CA ALA D 44 -7.57 6.42 14.09
C ALA D 44 -7.99 4.96 14.19
N GLY D 45 -7.24 4.09 13.52
CA GLY D 45 -7.55 2.67 13.51
C GLY D 45 -8.75 2.28 12.70
N GLY D 46 -9.43 3.24 12.08
CA GLY D 46 -10.55 2.96 11.22
C GLY D 46 -10.16 2.70 9.79
N PRO D 47 -11.16 2.45 8.94
CA PRO D 47 -10.86 2.01 7.56
C PRO D 47 -10.12 3.01 6.71
N ALA D 48 -10.27 4.31 6.95
CA ALA D 48 -9.53 5.30 6.18
C ALA D 48 -8.15 5.57 6.75
N ASP D 49 -7.90 5.16 7.99
CA ASP D 49 -6.59 5.33 8.60
C ASP D 49 -5.66 4.18 8.28
N LEU D 50 -6.19 2.97 8.06
CA LEU D 50 -5.30 1.81 7.95
C LEU D 50 -4.39 1.88 6.73
N SER D 51 -4.85 2.44 5.61
CA SER D 51 -3.93 2.59 4.48
C SER D 51 -3.07 3.84 4.56
N GLY D 52 -3.47 4.82 5.38
CA GLY D 52 -2.66 5.99 5.64
C GLY D 52 -2.57 6.97 4.49
N GLU D 53 -3.46 6.88 3.53
CA GLU D 53 -3.44 7.78 2.38
C GLU D 53 -4.18 9.07 2.70
N LEU D 54 -5.47 8.98 3.00
CA LEU D 54 -6.29 10.15 3.21
C LEU D 54 -5.89 10.91 4.46
N ARG D 55 -6.02 12.24 4.38
CA ARG D 55 -5.79 13.14 5.50
C ARG D 55 -6.87 14.22 5.51
N LYS D 56 -7.15 14.75 6.70
CA LYS D 56 -7.98 15.94 6.85
C LYS D 56 -7.56 17.01 5.86
N GLY D 57 -8.54 17.55 5.13
CA GLY D 57 -8.30 18.58 4.15
C GLY D 57 -8.26 18.10 2.71
N ASP D 58 -8.09 16.80 2.49
CA ASP D 58 -8.14 16.25 1.14
C ASP D 58 -9.55 16.38 0.57
N GLN D 59 -9.63 16.59 -0.74
CA GLN D 59 -10.91 16.69 -1.44
C GLN D 59 -11.30 15.33 -2.01
N ILE D 60 -12.56 14.94 -1.82
CA ILE D 60 -13.11 13.77 -2.47
C ILE D 60 -13.66 14.18 -3.83
N LEU D 61 -13.05 13.67 -4.90
CA LEU D 61 -13.49 13.99 -6.25
C LEU D 61 -14.57 13.05 -6.75
N SER D 62 -14.60 11.82 -6.26
CA SER D 62 -15.57 10.85 -6.79
C SER D 62 -15.64 9.66 -5.85
N VAL D 63 -16.76 8.93 -5.97
CA VAL D 63 -17.01 7.71 -5.21
C VAL D 63 -17.65 6.72 -6.16
N ASN D 64 -17.02 5.57 -6.34
CA ASN D 64 -17.51 4.52 -7.24
C ASN D 64 -17.95 5.11 -8.58
N GLY D 65 -17.10 5.97 -9.12
CA GLY D 65 -17.34 6.53 -10.44
C GLY D 65 -18.33 7.66 -10.50
N VAL D 66 -18.93 8.03 -9.39
CA VAL D 66 -19.84 9.18 -9.31
C VAL D 66 -19.02 10.43 -9.01
N ASP D 67 -19.01 11.37 -9.94
CA ASP D 67 -18.35 12.66 -9.76
C ASP D 67 -18.98 13.41 -8.59
N LEU D 68 -18.17 13.72 -7.58
CA LEU D 68 -18.63 14.50 -6.44
C LEU D 68 -18.07 15.92 -6.41
N ARG D 69 -17.42 16.39 -7.48
CA ARG D 69 -16.84 17.72 -7.41
C ARG D 69 -17.91 18.78 -7.22
N ASN D 70 -19.11 18.56 -7.74
CA ASN D 70 -20.18 19.52 -7.57
C ASN D 70 -21.21 19.09 -6.53
N ALA D 71 -20.93 18.07 -5.73
CA ALA D 71 -21.93 17.55 -4.82
C ALA D 71 -22.13 18.49 -3.63
N SER D 72 -23.38 18.65 -3.21
CA SER D 72 -23.65 19.19 -1.90
C SER D 72 -23.24 18.16 -0.84
N HIS D 73 -23.13 18.62 0.41
CA HIS D 73 -22.81 17.67 1.48
C HIS D 73 -23.80 16.51 1.50
N GLU D 74 -25.10 16.81 1.36
CA GLU D 74 -26.13 15.78 1.36
C GLU D 74 -25.92 14.77 0.24
N GLN D 75 -25.64 15.25 -0.98
CA GLN D 75 -25.43 14.35 -2.10
C GLN D 75 -24.21 13.46 -1.90
N ALA D 76 -23.13 14.03 -1.37
CA ALA D 76 -21.94 13.23 -1.10
C ALA D 76 -22.22 12.20 -0.01
N ALA D 77 -22.96 12.61 1.03
CA ALA D 77 -23.31 11.71 2.12
C ALA D 77 -24.13 10.54 1.61
N ILE D 78 -25.09 10.80 0.71
CA ILE D 78 -25.90 9.74 0.14
C ILE D 78 -25.03 8.78 -0.67
N ALA D 79 -24.16 9.32 -1.52
CA ALA D 79 -23.31 8.50 -2.37
C ALA D 79 -22.39 7.62 -1.54
N LEU D 80 -21.80 8.18 -0.49
CA LEU D 80 -20.94 7.39 0.38
C LEU D 80 -21.75 6.32 1.10
N LYS D 81 -22.97 6.64 1.51
CA LYS D 81 -23.78 5.67 2.24
C LYS D 81 -24.27 4.54 1.35
N ASN D 82 -24.53 4.82 0.07
CA ASN D 82 -25.00 3.81 -0.86
C ASN D 82 -23.88 3.12 -1.63
N ALA D 83 -22.63 3.42 -1.29
CA ALA D 83 -21.48 2.88 -2.01
C ALA D 83 -21.16 1.45 -1.63
N GLY D 84 -21.82 0.89 -0.62
CA GLY D 84 -21.55 -0.48 -0.25
C GLY D 84 -20.37 -0.59 0.68
N GLN D 85 -19.89 -1.83 0.84
CA GLN D 85 -18.79 -2.09 1.77
C GLN D 85 -17.43 -1.86 1.16
N THR D 86 -17.29 -1.97 -0.16
CA THR D 86 -16.06 -1.59 -0.84
C THR D 86 -16.30 -0.27 -1.57
N VAL D 87 -15.59 0.78 -1.13
CA VAL D 87 -15.79 2.14 -1.61
C VAL D 87 -14.50 2.60 -2.27
N THR D 88 -14.57 2.94 -3.56
CA THR D 88 -13.43 3.42 -4.32
C THR D 88 -13.55 4.93 -4.49
N ILE D 89 -12.53 5.66 -4.02
CA ILE D 89 -12.54 7.11 -3.94
C ILE D 89 -11.37 7.65 -4.76
N ILE D 90 -11.65 8.65 -5.58
CA ILE D 90 -10.61 9.47 -6.18
C ILE D 90 -10.48 10.71 -5.31
N ALA D 91 -9.31 10.89 -4.70
CA ALA D 91 -9.03 12.00 -3.81
C ALA D 91 -7.99 12.91 -4.43
N GLN D 92 -8.12 14.21 -4.17
CA GLN D 92 -7.07 15.19 -4.46
C GLN D 92 -6.36 15.53 -3.15
N TYR D 93 -5.09 15.15 -3.05
CA TYR D 93 -4.31 15.53 -1.87
C TYR D 93 -4.21 17.04 -1.79
N LYS D 94 -4.43 17.59 -0.60
CA LYS D 94 -4.37 19.03 -0.38
C LYS D 94 -3.02 19.64 -0.76
S SO4 E . -4.97 -16.20 -1.21
O1 SO4 E . -4.66 -17.60 -1.43
O2 SO4 E . -6.36 -16.05 -0.79
O3 SO4 E . -4.17 -15.62 -0.13
O4 SO4 E . -4.74 -15.45 -2.45
S SO4 F . -7.66 -21.98 9.49
O1 SO4 F . -8.41 -22.70 10.50
O2 SO4 F . -8.08 -22.46 8.17
O3 SO4 F . -6.24 -22.26 9.71
O4 SO4 F . -7.94 -20.56 9.60
S SO4 G . 6.91 -14.62 -7.66
O1 SO4 G . 8.20 -14.38 -8.30
O2 SO4 G . 6.56 -16.03 -7.81
O3 SO4 G . 7.06 -14.34 -6.24
O4 SO4 G . 5.91 -13.74 -8.25
S SO4 H . 9.34 -15.13 -19.79
O1 SO4 H . 9.74 -16.18 -18.85
O2 SO4 H . 10.09 -15.24 -21.05
O3 SO4 H . 9.60 -13.83 -19.19
O4 SO4 H . 7.92 -15.25 -20.12
S SO4 I . 14.77 19.62 -2.32
O1 SO4 I . 16.02 19.97 -2.98
O2 SO4 I . 14.28 18.33 -2.81
O3 SO4 I . 15.03 19.55 -0.88
O4 SO4 I . 13.76 20.64 -2.58
S SO4 J . 2.82 16.49 -1.45
O1 SO4 J . 3.75 15.50 -0.92
O2 SO4 J . 1.45 16.00 -1.23
O3 SO4 J . 2.94 17.81 -0.85
O4 SO4 J . 3.05 16.59 -2.89
S SO4 K . -4.70 14.12 9.75
O1 SO4 K . -3.40 13.51 9.49
O2 SO4 K . -5.65 13.65 8.75
O3 SO4 K . -5.18 13.72 11.06
O4 SO4 K . -4.54 15.57 9.69
#